data_2EKC
#
_entry.id   2EKC
#
_cell.length_a   57.854
_cell.length_b   72.985
_cell.length_c   64.942
_cell.angle_alpha   90.000
_cell.angle_beta   90.697
_cell.angle_gamma   90.000
#
_symmetry.space_group_name_H-M   'P 1 21 1'
#
loop_
_entity.id
_entity.type
_entity.pdbx_description
1 polymer 'Tryptophan synthase alpha chain'
2 water water
#
_entity_poly.entity_id   1
_entity_poly.type   'polypeptide(L)'
_entity_poly.pdbx_seq_one_letter_code
;MGRISDKFTELKEKREKALVSYLMVGYPDYETSLKAFKEVLKNGTDILEIGFPFSDPVADGPTIQVAHEVALKNGIRFED
VLELSETLRKEFPDIPFLLMTYYNPIFRIGLEKFCRLSREKGIDGFIVPDLPPEEAEELKAVMKKYVLSFVPLGAPTSTR
KRIKLICEAADEMTYFVSVTGTTGAREKLPYERIKKKVEEYRELCDKPVVVGFGVSKKEHAREIGSFADGVVVGSALVKL
AGQKKIEDLGNLVKELKEGLRE
;
_entity_poly.pdbx_strand_id   A,B
#
# COMPACT_ATOMS: atom_id res chain seq x y z
N MET A 1 -30.43 -8.10 -14.91
CA MET A 1 -30.99 -6.92 -15.62
C MET A 1 -30.07 -6.45 -16.76
N GLY A 2 -29.31 -5.39 -16.51
CA GLY A 2 -28.44 -4.83 -17.54
C GLY A 2 -27.13 -5.54 -17.84
N ARG A 3 -26.10 -4.74 -18.07
CA ARG A 3 -24.78 -5.26 -18.41
C ARG A 3 -24.20 -6.22 -17.38
N ILE A 4 -24.50 -6.00 -16.11
CA ILE A 4 -23.97 -6.87 -15.06
C ILE A 4 -24.53 -8.28 -15.21
N SER A 5 -25.86 -8.40 -15.27
CA SER A 5 -26.47 -9.70 -15.42
C SER A 5 -26.04 -10.35 -16.72
N ASP A 6 -26.01 -9.59 -17.81
CA ASP A 6 -25.61 -10.15 -19.10
C ASP A 6 -24.19 -10.71 -19.01
N LYS A 7 -23.29 -9.96 -18.38
CA LYS A 7 -21.91 -10.40 -18.25
C LYS A 7 -21.75 -11.70 -17.48
N PHE A 8 -22.41 -11.81 -16.34
CA PHE A 8 -22.31 -13.03 -15.54
C PHE A 8 -22.93 -14.23 -16.27
N THR A 9 -23.97 -13.98 -17.04
CA THR A 9 -24.59 -15.06 -17.81
C THR A 9 -23.60 -15.50 -18.88
N GLU A 10 -22.91 -14.52 -19.45
CA GLU A 10 -21.90 -14.80 -20.48
C GLU A 10 -20.74 -15.61 -19.88
N LEU A 11 -20.24 -15.14 -18.74
CA LEU A 11 -19.11 -15.82 -18.11
C LEU A 11 -19.46 -17.26 -17.75
N LYS A 12 -20.68 -17.47 -17.26
CA LYS A 12 -21.14 -18.80 -16.90
C LYS A 12 -21.08 -19.73 -18.12
N GLU A 13 -21.51 -19.23 -19.26
CA GLU A 13 -21.49 -20.06 -20.46
C GLU A 13 -20.05 -20.35 -20.90
N LYS A 14 -19.14 -19.44 -20.57
CA LYS A 14 -17.73 -19.60 -20.92
C LYS A 14 -16.97 -20.36 -19.84
N ARG A 15 -17.68 -20.67 -18.75
CA ARG A 15 -17.10 -21.40 -17.62
C ARG A 15 -15.98 -20.57 -16.99
N GLU A 16 -16.26 -19.28 -16.78
CA GLU A 16 -15.29 -18.37 -16.19
C GLU A 16 -15.85 -17.60 -15.00
N LYS A 17 -14.94 -17.12 -14.16
CA LYS A 17 -15.31 -16.29 -13.01
C LYS A 17 -14.94 -14.89 -13.48
N ALA A 18 -15.61 -13.88 -12.95
CA ALA A 18 -15.34 -12.51 -13.35
C ALA A 18 -14.12 -11.89 -12.68
N LEU A 19 -13.41 -11.06 -13.44
CA LEU A 19 -12.27 -10.33 -12.89
C LEU A 19 -12.77 -8.89 -12.85
N VAL A 20 -12.84 -8.33 -11.64
CA VAL A 20 -13.27 -6.95 -11.47
C VAL A 20 -12.03 -6.13 -11.17
N SER A 21 -11.69 -5.19 -12.06
CA SER A 21 -10.50 -4.37 -11.90
C SER A 21 -10.86 -2.97 -11.43
N TYR A 22 -10.12 -2.50 -10.43
CA TYR A 22 -10.34 -1.20 -9.83
C TYR A 22 -9.14 -0.28 -10.02
N LEU A 23 -9.38 0.86 -10.66
CA LEU A 23 -8.35 1.87 -10.91
C LEU A 23 -8.93 3.23 -10.55
N MET A 24 -8.06 4.19 -10.25
CA MET A 24 -8.49 5.54 -9.87
C MET A 24 -8.31 6.55 -11.01
N VAL A 25 -9.36 7.32 -11.30
CA VAL A 25 -9.27 8.32 -12.36
C VAL A 25 -8.33 9.43 -11.89
N GLY A 26 -7.34 9.75 -12.71
CA GLY A 26 -6.42 10.82 -12.36
C GLY A 26 -5.13 10.41 -11.66
N TYR A 27 -4.94 9.11 -11.43
CA TYR A 27 -3.72 8.64 -10.76
C TYR A 27 -2.90 7.75 -11.69
N PRO A 28 -1.60 8.06 -11.87
CA PRO A 28 -0.86 9.18 -11.28
C PRO A 28 -1.20 10.53 -11.91
N ASP A 29 -1.92 10.49 -13.02
CA ASP A 29 -2.39 11.66 -13.75
C ASP A 29 -3.49 11.17 -14.68
N TYR A 30 -4.34 12.06 -15.17
CA TYR A 30 -5.45 11.63 -16.04
C TYR A 30 -5.01 10.77 -17.22
N GLU A 31 -4.09 11.28 -18.03
CA GLU A 31 -3.60 10.55 -19.21
C GLU A 31 -3.13 9.13 -18.88
N THR A 32 -2.25 9.01 -17.89
CA THR A 32 -1.72 7.71 -17.48
C THR A 32 -2.85 6.79 -17.00
N SER A 33 -3.79 7.33 -16.22
CA SER A 33 -4.88 6.51 -15.71
C SER A 33 -5.76 6.00 -16.86
N LEU A 34 -5.92 6.81 -17.89
CA LEU A 34 -6.74 6.40 -19.02
C LEU A 34 -6.06 5.25 -19.76
N LYS A 35 -4.75 5.32 -19.90
CA LYS A 35 -4.01 4.24 -20.56
C LYS A 35 -4.14 2.97 -19.73
N ALA A 36 -4.06 3.12 -18.41
CA ALA A 36 -4.18 1.99 -17.49
C ALA A 36 -5.55 1.32 -17.65
N PHE A 37 -6.61 2.13 -17.64
CA PHE A 37 -7.97 1.62 -17.81
C PHE A 37 -8.10 0.82 -19.11
N LYS A 38 -7.58 1.38 -20.19
CA LYS A 38 -7.65 0.71 -21.48
C LYS A 38 -6.88 -0.62 -21.46
N GLU A 39 -5.74 -0.62 -20.78
CA GLU A 39 -4.91 -1.81 -20.69
C GLU A 39 -5.61 -2.96 -19.96
N VAL A 40 -6.22 -2.67 -18.81
CA VAL A 40 -6.88 -3.74 -18.06
C VAL A 40 -8.10 -4.26 -18.81
N LEU A 41 -8.74 -3.41 -19.59
CA LEU A 41 -9.91 -3.84 -20.36
C LEU A 41 -9.47 -4.74 -21.52
N LYS A 42 -8.38 -4.36 -22.17
CA LYS A 42 -7.86 -5.13 -23.30
C LYS A 42 -7.34 -6.50 -22.86
N ASN A 43 -6.93 -6.61 -21.60
CA ASN A 43 -6.39 -7.87 -21.13
C ASN A 43 -7.30 -8.82 -20.37
N GLY A 44 -8.62 -8.62 -20.45
CA GLY A 44 -9.50 -9.57 -19.79
C GLY A 44 -10.40 -9.13 -18.65
N THR A 45 -10.39 -7.85 -18.31
CA THR A 45 -11.24 -7.37 -17.23
C THR A 45 -12.71 -7.54 -17.64
N ASP A 46 -13.51 -8.14 -16.76
CA ASP A 46 -14.92 -8.38 -17.04
C ASP A 46 -15.84 -7.28 -16.53
N ILE A 47 -15.46 -6.69 -15.40
CA ILE A 47 -16.24 -5.63 -14.78
C ILE A 47 -15.26 -4.59 -14.30
N LEU A 48 -15.54 -3.32 -14.62
CA LEU A 48 -14.65 -2.24 -14.24
C LEU A 48 -15.17 -1.42 -13.07
N GLU A 49 -14.30 -1.12 -12.12
CA GLU A 49 -14.67 -0.27 -11.00
C GLU A 49 -13.89 1.02 -11.23
N ILE A 50 -14.62 2.12 -11.40
CA ILE A 50 -14.03 3.42 -11.67
C ILE A 50 -13.95 4.26 -10.40
N GLY A 51 -12.73 4.56 -9.96
CA GLY A 51 -12.55 5.33 -8.74
C GLY A 51 -12.77 6.84 -8.88
N PHE A 52 -13.64 7.38 -8.03
CA PHE A 52 -13.99 8.81 -8.01
C PHE A 52 -13.23 9.39 -6.81
N PRO A 53 -12.13 10.13 -7.07
CA PRO A 53 -11.31 10.74 -6.01
C PRO A 53 -12.11 11.47 -4.94
N PHE A 54 -11.82 11.15 -3.67
CA PHE A 54 -12.52 11.75 -2.55
C PHE A 54 -11.53 12.28 -1.50
N SER A 55 -11.90 13.38 -0.85
CA SER A 55 -11.02 14.02 0.15
C SER A 55 -10.85 13.28 1.47
N ASP A 56 -11.72 12.31 1.77
CA ASP A 56 -11.62 11.59 3.03
C ASP A 56 -12.00 10.11 2.87
N PRO A 57 -11.19 9.37 2.08
CA PRO A 57 -11.36 7.95 1.76
C PRO A 57 -11.04 7.00 2.92
N VAL A 58 -11.78 7.12 4.01
CA VAL A 58 -11.56 6.28 5.20
C VAL A 58 -11.72 4.77 5.01
N ALA A 59 -12.39 4.36 3.93
CA ALA A 59 -12.61 2.93 3.70
C ALA A 59 -11.55 2.28 2.80
N ASP A 60 -10.64 3.09 2.25
CA ASP A 60 -9.61 2.55 1.38
C ASP A 60 -8.29 2.31 2.11
N GLY A 61 -7.51 1.36 1.60
CA GLY A 61 -6.22 1.06 2.20
C GLY A 61 -5.22 2.14 1.84
N PRO A 62 -3.99 2.10 2.38
CA PRO A 62 -2.94 3.08 2.12
C PRO A 62 -2.67 3.41 0.64
N THR A 63 -2.52 2.37 -0.18
CA THR A 63 -2.23 2.56 -1.60
C THR A 63 -3.32 3.34 -2.32
N ILE A 64 -4.57 2.95 -2.10
CA ILE A 64 -5.67 3.64 -2.75
C ILE A 64 -5.86 5.05 -2.20
N GLN A 65 -5.58 5.24 -0.91
CA GLN A 65 -5.70 6.58 -0.34
C GLN A 65 -4.72 7.53 -1.03
N VAL A 66 -3.56 7.02 -1.42
CA VAL A 66 -2.57 7.86 -2.10
C VAL A 66 -3.16 8.27 -3.45
N ALA A 67 -3.77 7.30 -4.14
CA ALA A 67 -4.38 7.58 -5.44
C ALA A 67 -5.43 8.68 -5.31
N HIS A 68 -6.22 8.62 -4.23
CA HIS A 68 -7.24 9.65 -4.00
C HIS A 68 -6.60 11.03 -3.92
N GLU A 69 -5.64 11.16 -3.02
CA GLU A 69 -4.96 12.43 -2.78
C GLU A 69 -4.30 13.01 -4.01
N VAL A 70 -3.51 12.19 -4.69
CA VAL A 70 -2.81 12.64 -5.90
C VAL A 70 -3.82 13.09 -6.95
N ALA A 71 -4.84 12.26 -7.21
CA ALA A 71 -5.85 12.62 -8.20
C ALA A 71 -6.51 13.95 -7.87
N LEU A 72 -6.81 14.18 -6.59
CA LEU A 72 -7.45 15.42 -6.19
C LEU A 72 -6.51 16.60 -6.41
N LYS A 73 -5.23 16.40 -6.16
CA LYS A 73 -4.27 17.48 -6.36
C LYS A 73 -4.08 17.73 -7.85
N ASN A 74 -4.39 16.74 -8.69
CA ASN A 74 -4.29 16.92 -10.13
C ASN A 74 -5.56 17.65 -10.61
N GLY A 75 -6.51 17.87 -9.70
CA GLY A 75 -7.73 18.56 -10.04
C GLY A 75 -8.85 17.73 -10.65
N ILE A 76 -8.83 16.42 -10.40
CA ILE A 76 -9.85 15.55 -10.95
C ILE A 76 -11.21 15.82 -10.31
N ARG A 77 -12.20 16.04 -11.15
CA ARG A 77 -13.58 16.34 -10.73
C ARG A 77 -14.51 15.21 -11.15
N PHE A 78 -15.74 15.27 -10.65
CA PHE A 78 -16.75 14.27 -11.01
C PHE A 78 -16.92 14.32 -12.54
N GLU A 79 -16.84 15.53 -13.10
CA GLU A 79 -16.99 15.69 -14.55
C GLU A 79 -15.90 14.93 -15.31
N ASP A 80 -14.69 14.90 -14.76
CA ASP A 80 -13.58 14.21 -15.42
C ASP A 80 -13.80 12.69 -15.33
N VAL A 81 -14.35 12.26 -14.20
CA VAL A 81 -14.61 10.84 -13.99
C VAL A 81 -15.61 10.33 -15.02
N LEU A 82 -16.68 11.09 -15.25
CA LEU A 82 -17.70 10.67 -16.21
C LEU A 82 -17.21 10.78 -17.66
N GLU A 83 -16.30 11.72 -17.92
CA GLU A 83 -15.76 11.87 -19.27
C GLU A 83 -14.97 10.61 -19.61
N LEU A 84 -14.23 10.11 -18.62
CA LEU A 84 -13.44 8.89 -18.80
C LEU A 84 -14.37 7.69 -19.01
N SER A 85 -15.45 7.64 -18.26
CA SER A 85 -16.43 6.55 -18.41
C SER A 85 -17.01 6.59 -19.83
N GLU A 86 -17.43 7.77 -20.26
CA GLU A 86 -18.00 7.91 -21.60
C GLU A 86 -16.98 7.49 -22.67
N THR A 87 -15.74 7.90 -22.49
CA THR A 87 -14.68 7.56 -23.44
C THR A 87 -14.49 6.04 -23.54
N LEU A 88 -14.43 5.37 -22.39
CA LEU A 88 -14.24 3.92 -22.38
C LEU A 88 -15.47 3.17 -22.87
N ARG A 89 -16.64 3.70 -22.56
CA ARG A 89 -17.90 3.09 -22.97
C ARG A 89 -17.97 2.91 -24.49
N LYS A 90 -17.43 3.87 -25.23
CA LYS A 90 -17.46 3.81 -26.69
C LYS A 90 -16.61 2.66 -27.22
N GLU A 91 -15.52 2.35 -26.53
CA GLU A 91 -14.60 1.29 -26.95
C GLU A 91 -14.97 -0.09 -26.42
N PHE A 92 -15.64 -0.13 -25.27
CA PHE A 92 -16.03 -1.40 -24.66
C PHE A 92 -17.51 -1.34 -24.31
N PRO A 93 -18.37 -1.48 -25.34
CA PRO A 93 -19.83 -1.44 -25.23
C PRO A 93 -20.53 -2.31 -24.20
N ASP A 94 -20.04 -3.52 -23.99
CA ASP A 94 -20.71 -4.43 -23.06
C ASP A 94 -20.10 -4.67 -21.69
N ILE A 95 -18.94 -4.08 -21.41
CA ILE A 95 -18.29 -4.25 -20.11
C ILE A 95 -19.01 -3.41 -19.05
N PRO A 96 -19.52 -4.06 -17.99
CA PRO A 96 -20.21 -3.32 -16.94
C PRO A 96 -19.27 -2.33 -16.24
N PHE A 97 -19.73 -1.10 -16.04
CA PHE A 97 -18.95 -0.06 -15.37
C PHE A 97 -19.59 0.24 -14.02
N LEU A 98 -18.81 0.11 -12.95
CA LEU A 98 -19.30 0.39 -11.60
C LEU A 98 -18.55 1.61 -11.06
N LEU A 99 -19.29 2.66 -10.74
CA LEU A 99 -18.68 3.86 -10.20
C LEU A 99 -18.45 3.68 -8.70
N MET A 100 -17.21 3.85 -8.28
CA MET A 100 -16.87 3.74 -6.86
C MET A 100 -16.87 5.16 -6.31
N THR A 101 -17.89 5.47 -5.52
CA THR A 101 -18.02 6.79 -4.94
C THR A 101 -18.45 6.75 -3.48
N TYR A 102 -17.90 7.69 -2.69
CA TYR A 102 -18.28 7.77 -1.30
C TYR A 102 -19.65 8.46 -1.33
N TYR A 103 -20.38 8.40 -0.23
CA TYR A 103 -21.72 8.98 -0.22
C TYR A 103 -21.81 10.50 -0.28
N ASN A 104 -21.01 11.19 0.53
CA ASN A 104 -21.03 12.65 0.59
C ASN A 104 -21.10 13.36 -0.76
N PRO A 105 -20.22 13.00 -1.72
CA PRO A 105 -20.25 13.66 -3.02
C PRO A 105 -21.61 13.55 -3.72
N ILE A 106 -22.29 12.43 -3.54
CA ILE A 106 -23.60 12.24 -4.15
C ILE A 106 -24.57 13.27 -3.58
N PHE A 107 -24.55 13.41 -2.27
CA PHE A 107 -25.42 14.35 -1.58
C PHE A 107 -25.08 15.79 -1.94
N ARG A 108 -23.79 16.11 -1.98
CA ARG A 108 -23.34 17.45 -2.30
C ARG A 108 -23.77 17.86 -3.71
N ILE A 109 -23.63 16.94 -4.66
CA ILE A 109 -23.99 17.21 -6.04
C ILE A 109 -25.51 17.17 -6.25
N GLY A 110 -26.17 16.30 -5.50
CA GLY A 110 -27.61 16.14 -5.62
C GLY A 110 -27.92 14.75 -6.15
N LEU A 111 -28.65 13.95 -5.37
CA LEU A 111 -28.97 12.58 -5.77
C LEU A 111 -29.49 12.44 -7.19
N GLU A 112 -30.57 13.15 -7.51
CA GLU A 112 -31.16 13.07 -8.86
C GLU A 112 -30.11 13.39 -9.92
N LYS A 113 -29.46 14.54 -9.79
CA LYS A 113 -28.45 14.96 -10.76
C LYS A 113 -27.31 13.95 -10.87
N PHE A 114 -26.80 13.51 -9.73
CA PHE A 114 -25.70 12.55 -9.69
C PHE A 114 -26.05 11.30 -10.49
N CYS A 115 -27.22 10.75 -10.22
CA CYS A 115 -27.66 9.56 -10.92
C CYS A 115 -27.92 9.83 -12.40
N ARG A 116 -28.55 10.96 -12.69
CA ARG A 116 -28.85 11.35 -14.08
C ARG A 116 -27.56 11.38 -14.90
N LEU A 117 -26.58 12.12 -14.41
CA LEU A 117 -25.30 12.23 -15.10
C LEU A 117 -24.58 10.89 -15.25
N SER A 118 -24.54 10.11 -14.18
CA SER A 118 -23.87 8.80 -14.22
C SER A 118 -24.45 7.92 -15.33
N ARG A 119 -25.78 7.84 -15.38
CA ARG A 119 -26.44 7.02 -16.39
C ARG A 119 -26.14 7.51 -17.80
N GLU A 120 -26.16 8.81 -18.00
CA GLU A 120 -25.91 9.37 -19.33
C GLU A 120 -24.49 9.12 -19.84
N LYS A 121 -23.54 8.94 -18.93
CA LYS A 121 -22.15 8.72 -19.31
C LYS A 121 -21.67 7.27 -19.29
N GLY A 122 -22.58 6.31 -19.27
CA GLY A 122 -22.17 4.91 -19.30
C GLY A 122 -22.03 4.13 -18.01
N ILE A 123 -22.34 4.73 -16.87
CA ILE A 123 -22.22 4.01 -15.60
C ILE A 123 -23.38 3.01 -15.46
N ASP A 124 -23.06 1.79 -15.03
CA ASP A 124 -24.09 0.77 -14.87
C ASP A 124 -24.60 0.65 -13.45
N GLY A 125 -23.75 0.92 -12.47
CA GLY A 125 -24.16 0.84 -11.08
C GLY A 125 -23.15 1.49 -10.16
N PHE A 126 -23.43 1.49 -8.85
CA PHE A 126 -22.52 2.10 -7.88
C PHE A 126 -22.04 1.11 -6.82
N ILE A 127 -20.92 1.47 -6.19
CA ILE A 127 -20.38 0.73 -5.06
C ILE A 127 -20.08 1.89 -4.12
N VAL A 128 -20.85 1.99 -3.05
CA VAL A 128 -20.69 3.05 -2.06
C VAL A 128 -20.19 2.42 -0.77
N PRO A 129 -18.87 2.47 -0.55
CA PRO A 129 -18.20 1.90 0.62
C PRO A 129 -18.60 2.44 1.98
N ASP A 130 -19.07 3.68 2.06
CA ASP A 130 -19.46 4.25 3.34
C ASP A 130 -20.92 4.69 3.41
N LEU A 131 -21.79 3.98 2.69
CA LEU A 131 -23.20 4.34 2.66
C LEU A 131 -23.85 4.33 4.04
N PRO A 132 -24.29 5.51 4.52
CA PRO A 132 -24.94 5.59 5.83
C PRO A 132 -26.29 4.87 5.75
N PRO A 133 -26.55 3.91 6.66
CA PRO A 133 -27.82 3.18 6.64
C PRO A 133 -29.06 4.09 6.60
N GLU A 134 -28.96 5.26 7.21
CA GLU A 134 -30.09 6.18 7.25
C GLU A 134 -30.30 6.94 5.93
N GLU A 135 -29.42 6.70 4.95
CA GLU A 135 -29.52 7.37 3.65
C GLU A 135 -29.76 6.35 2.55
N ALA A 136 -29.62 5.07 2.89
CA ALA A 136 -29.75 3.97 1.94
C ALA A 136 -31.06 3.89 1.16
N GLU A 137 -32.20 3.93 1.85
CA GLU A 137 -33.48 3.82 1.17
C GLU A 137 -33.69 4.92 0.14
N GLU A 138 -33.31 6.15 0.47
CA GLU A 138 -33.48 7.25 -0.47
C GLU A 138 -32.61 7.05 -1.71
N LEU A 139 -31.36 6.66 -1.49
CA LEU A 139 -30.44 6.44 -2.60
C LEU A 139 -30.91 5.30 -3.49
N LYS A 140 -31.33 4.20 -2.87
CA LYS A 140 -31.78 3.05 -3.63
C LYS A 140 -32.97 3.45 -4.53
N ALA A 141 -33.90 4.22 -3.96
CA ALA A 141 -35.07 4.67 -4.70
C ALA A 141 -34.69 5.47 -5.95
N VAL A 142 -33.74 6.40 -5.80
CA VAL A 142 -33.31 7.22 -6.94
C VAL A 142 -32.56 6.36 -7.95
N MET A 143 -31.70 5.48 -7.47
CA MET A 143 -30.94 4.61 -8.36
C MET A 143 -31.90 3.77 -9.19
N LYS A 144 -32.98 3.31 -8.57
CA LYS A 144 -33.98 2.51 -9.28
C LYS A 144 -34.59 3.34 -10.41
N LYS A 145 -34.86 4.60 -10.11
CA LYS A 145 -35.44 5.51 -11.09
C LYS A 145 -34.56 5.69 -12.32
N TYR A 146 -33.25 5.74 -12.12
CA TYR A 146 -32.31 5.91 -13.23
C TYR A 146 -31.69 4.61 -13.71
N VAL A 147 -32.25 3.49 -13.27
CA VAL A 147 -31.77 2.18 -13.68
C VAL A 147 -30.27 2.02 -13.45
N LEU A 148 -29.84 2.30 -12.24
CA LEU A 148 -28.44 2.15 -11.84
C LEU A 148 -28.44 1.01 -10.83
N SER A 149 -27.66 -0.03 -11.10
CA SER A 149 -27.60 -1.20 -10.26
C SER A 149 -27.04 -0.97 -8.86
N PHE A 150 -27.81 -1.35 -7.85
CA PHE A 150 -27.37 -1.19 -6.47
C PHE A 150 -26.59 -2.44 -6.04
N VAL A 151 -25.36 -2.23 -5.59
CA VAL A 151 -24.50 -3.33 -5.17
C VAL A 151 -24.23 -3.27 -3.67
N PRO A 152 -24.96 -4.08 -2.88
CA PRO A 152 -24.77 -4.09 -1.43
C PRO A 152 -23.44 -4.70 -1.02
N LEU A 153 -22.94 -4.32 0.15
CA LEU A 153 -21.68 -4.85 0.64
C LEU A 153 -21.86 -5.82 1.80
N GLY A 154 -21.14 -6.93 1.75
CA GLY A 154 -21.23 -7.92 2.80
C GLY A 154 -19.88 -8.09 3.46
N ALA A 155 -19.83 -8.85 4.55
CA ALA A 155 -18.58 -9.08 5.25
C ALA A 155 -18.53 -10.52 5.74
N PRO A 156 -17.33 -11.00 6.13
CA PRO A 156 -17.20 -12.37 6.61
C PRO A 156 -18.02 -12.59 7.88
N THR A 157 -18.41 -11.50 8.52
CA THR A 157 -19.20 -11.57 9.75
C THR A 157 -20.66 -11.18 9.59
N SER A 158 -21.13 -11.04 8.34
CA SER A 158 -22.53 -10.68 8.12
C SER A 158 -23.46 -11.74 8.68
N THR A 159 -24.47 -11.31 9.42
CA THR A 159 -25.42 -12.24 10.03
C THR A 159 -26.33 -12.81 8.95
N ARG A 160 -27.03 -13.89 9.28
CA ARG A 160 -27.93 -14.51 8.32
C ARG A 160 -29.03 -13.54 7.93
N LYS A 161 -29.52 -12.76 8.89
CA LYS A 161 -30.56 -11.77 8.61
C LYS A 161 -30.01 -10.69 7.69
N ARG A 162 -28.78 -10.29 7.90
CA ARG A 162 -28.16 -9.26 7.07
C ARG A 162 -28.02 -9.78 5.64
N ILE A 163 -27.63 -11.05 5.52
CA ILE A 163 -27.46 -11.66 4.21
C ILE A 163 -28.76 -11.60 3.40
N LYS A 164 -29.88 -11.87 4.05
CA LYS A 164 -31.15 -11.82 3.34
C LYS A 164 -31.49 -10.40 2.91
N LEU A 165 -31.12 -9.42 3.72
CA LEU A 165 -31.37 -8.02 3.38
C LEU A 165 -30.46 -7.60 2.23
N ILE A 166 -29.27 -8.17 2.19
CA ILE A 166 -28.31 -7.89 1.13
C ILE A 166 -28.85 -8.42 -0.20
N CYS A 167 -29.34 -9.65 -0.20
CA CYS A 167 -29.87 -10.26 -1.42
C CYS A 167 -31.04 -9.46 -2.00
N GLU A 168 -31.98 -9.07 -1.15
CA GLU A 168 -33.13 -8.32 -1.62
C GLU A 168 -32.74 -6.90 -2.04
N ALA A 169 -31.60 -6.43 -1.54
CA ALA A 169 -31.13 -5.09 -1.89
C ALA A 169 -30.34 -5.06 -3.18
N ALA A 170 -29.76 -6.19 -3.55
CA ALA A 170 -28.97 -6.29 -4.77
C ALA A 170 -29.83 -6.45 -6.02
N ASP A 171 -29.53 -5.65 -7.04
CA ASP A 171 -30.26 -5.74 -8.30
C ASP A 171 -29.70 -6.87 -9.14
N GLU A 172 -28.38 -6.97 -9.20
CA GLU A 172 -27.74 -7.98 -10.03
C GLU A 172 -26.54 -8.69 -9.40
N MET A 173 -25.90 -8.06 -8.42
CA MET A 173 -24.73 -8.67 -7.80
C MET A 173 -24.43 -8.09 -6.42
N THR A 174 -23.57 -8.79 -5.68
CA THR A 174 -23.18 -8.37 -4.35
C THR A 174 -21.66 -8.39 -4.22
N TYR A 175 -21.14 -7.65 -3.26
CA TYR A 175 -19.72 -7.58 -3.02
C TYR A 175 -19.41 -7.84 -1.54
N PHE A 176 -18.56 -8.83 -1.28
CA PHE A 176 -18.16 -9.15 0.09
C PHE A 176 -16.66 -8.89 0.24
N VAL A 177 -16.25 -8.41 1.41
CA VAL A 177 -14.84 -8.19 1.69
C VAL A 177 -14.33 -9.52 2.25
N SER A 178 -13.09 -9.86 1.97
CA SER A 178 -12.53 -11.15 2.40
C SER A 178 -12.03 -11.24 3.84
N VAL A 179 -11.81 -10.11 4.50
CA VAL A 179 -11.30 -10.12 5.86
C VAL A 179 -12.27 -9.45 6.83
N THR A 180 -12.14 -9.79 8.11
CA THR A 180 -12.99 -9.25 9.17
C THR A 180 -12.72 -7.77 9.42
N GLY A 181 -11.98 -7.14 8.51
CA GLY A 181 -11.66 -5.74 8.64
C GLY A 181 -11.10 -5.36 10.00
N TYR A 191 -10.46 -16.58 2.28
CA TYR A 191 -9.95 -17.59 3.19
C TYR A 191 -11.10 -18.49 3.67
N GLU A 192 -10.87 -19.20 4.77
CA GLU A 192 -11.87 -20.11 5.31
C GLU A 192 -13.12 -19.38 5.82
N ARG A 193 -12.92 -18.24 6.45
CA ARG A 193 -14.03 -17.47 7.01
C ARG A 193 -14.99 -16.88 5.98
N ILE A 194 -14.45 -16.23 4.95
CA ILE A 194 -15.31 -15.63 3.94
C ILE A 194 -15.92 -16.73 3.07
N LYS A 195 -15.17 -17.82 2.89
CA LYS A 195 -15.65 -18.94 2.10
C LYS A 195 -16.91 -19.53 2.74
N LYS A 196 -16.85 -19.75 4.04
CA LYS A 196 -17.99 -20.29 4.76
C LYS A 196 -19.18 -19.33 4.72
N LYS A 197 -18.89 -18.03 4.79
CA LYS A 197 -19.94 -17.04 4.75
C LYS A 197 -20.64 -17.07 3.40
N VAL A 198 -19.85 -17.23 2.33
CA VAL A 198 -20.42 -17.27 0.99
C VAL A 198 -21.30 -18.50 0.82
N GLU A 199 -20.90 -19.61 1.42
CA GLU A 199 -21.68 -20.83 1.32
C GLU A 199 -23.05 -20.57 1.95
N GLU A 200 -23.07 -19.84 3.06
CA GLU A 200 -24.34 -19.49 3.71
C GLU A 200 -25.13 -18.63 2.74
N TYR A 201 -24.44 -17.66 2.16
CA TYR A 201 -25.03 -16.74 1.20
C TYR A 201 -25.68 -17.54 0.07
N ARG A 202 -24.99 -18.56 -0.42
CA ARG A 202 -25.51 -19.40 -1.50
C ARG A 202 -26.85 -20.01 -1.11
N GLU A 203 -26.98 -20.37 0.15
CA GLU A 203 -28.19 -20.97 0.69
C GLU A 203 -29.37 -20.00 0.65
N LEU A 204 -29.08 -18.71 0.79
CA LEU A 204 -30.10 -17.68 0.84
C LEU A 204 -30.19 -16.78 -0.38
N CYS A 205 -29.21 -16.83 -1.27
CA CYS A 205 -29.21 -15.93 -2.41
C CYS A 205 -28.69 -16.56 -3.70
N ASP A 206 -29.34 -16.23 -4.81
CA ASP A 206 -28.94 -16.75 -6.11
C ASP A 206 -28.16 -15.73 -6.95
N LYS A 207 -28.06 -14.50 -6.45
CA LYS A 207 -27.36 -13.46 -7.20
C LYS A 207 -25.83 -13.64 -7.11
N PRO A 208 -25.12 -13.37 -8.20
CA PRO A 208 -23.66 -13.51 -8.20
C PRO A 208 -22.98 -12.69 -7.10
N VAL A 209 -21.85 -13.19 -6.63
CA VAL A 209 -21.12 -12.49 -5.58
C VAL A 209 -19.64 -12.42 -5.92
N VAL A 210 -19.05 -11.24 -5.76
CA VAL A 210 -17.63 -11.05 -6.01
C VAL A 210 -16.95 -10.78 -4.67
N VAL A 211 -15.73 -11.25 -4.53
CA VAL A 211 -14.98 -11.08 -3.28
C VAL A 211 -13.70 -10.30 -3.51
N GLY A 212 -13.45 -9.33 -2.65
CA GLY A 212 -12.25 -8.51 -2.81
C GLY A 212 -11.37 -8.40 -1.57
N PHE A 213 -10.32 -7.59 -1.72
CA PHE A 213 -9.33 -7.32 -0.69
C PHE A 213 -8.32 -8.45 -0.57
N GLY A 214 -7.04 -8.10 -0.77
CA GLY A 214 -6.00 -9.10 -0.65
C GLY A 214 -5.73 -9.95 -1.87
N VAL A 215 -6.12 -9.47 -3.05
CA VAL A 215 -5.88 -10.23 -4.27
C VAL A 215 -4.78 -9.56 -5.08
N SER A 216 -3.72 -10.31 -5.40
CA SER A 216 -2.62 -9.76 -6.16
C SER A 216 -1.83 -10.81 -6.92
N LYS A 217 -2.24 -12.07 -6.78
CA LYS A 217 -1.57 -13.18 -7.46
C LYS A 217 -2.56 -14.13 -8.12
N LYS A 218 -2.14 -14.75 -9.21
CA LYS A 218 -2.99 -15.69 -9.92
C LYS A 218 -3.55 -16.74 -8.97
N GLU A 219 -2.73 -17.18 -8.02
CA GLU A 219 -3.12 -18.18 -7.04
C GLU A 219 -4.31 -17.68 -6.22
N HIS A 220 -4.30 -16.39 -5.90
CA HIS A 220 -5.37 -15.78 -5.11
C HIS A 220 -6.67 -15.85 -5.89
N ALA A 221 -6.61 -15.48 -7.17
CA ALA A 221 -7.78 -15.49 -8.04
C ALA A 221 -8.36 -16.89 -8.13
N ARG A 222 -7.50 -17.87 -8.37
CA ARG A 222 -7.91 -19.26 -8.48
C ARG A 222 -8.60 -19.72 -7.20
N GLU A 223 -7.99 -19.45 -6.05
CA GLU A 223 -8.55 -19.84 -4.76
C GLU A 223 -9.90 -19.18 -4.45
N ILE A 224 -9.96 -17.87 -4.59
CA ILE A 224 -11.21 -17.16 -4.31
C ILE A 224 -12.26 -17.50 -5.36
N GLY A 225 -11.82 -17.57 -6.62
CA GLY A 225 -12.71 -17.90 -7.70
C GLY A 225 -13.30 -19.29 -7.59
N SER A 226 -12.70 -20.12 -6.74
CA SER A 226 -13.19 -21.48 -6.55
C SER A 226 -14.53 -21.47 -5.82
N PHE A 227 -14.82 -20.40 -5.09
CA PHE A 227 -16.08 -20.32 -4.36
C PHE A 227 -16.91 -19.06 -4.62
N ALA A 228 -16.31 -18.06 -5.25
CA ALA A 228 -17.04 -16.82 -5.58
C ALA A 228 -17.28 -16.79 -7.09
N ASP A 229 -18.16 -15.89 -7.54
CA ASP A 229 -18.43 -15.77 -8.96
C ASP A 229 -17.45 -14.80 -9.61
N GLY A 230 -16.64 -14.17 -8.77
CA GLY A 230 -15.64 -13.24 -9.27
C GLY A 230 -14.75 -12.69 -8.18
N VAL A 231 -13.66 -12.06 -8.59
CA VAL A 231 -12.71 -11.47 -7.64
C VAL A 231 -12.43 -10.03 -8.02
N VAL A 232 -12.21 -9.19 -7.00
CA VAL A 232 -11.93 -7.78 -7.21
C VAL A 232 -10.46 -7.51 -6.90
N VAL A 233 -9.78 -6.87 -7.84
CA VAL A 233 -8.37 -6.53 -7.66
C VAL A 233 -8.25 -5.02 -7.83
N GLY A 234 -7.57 -4.36 -6.90
CA GLY A 234 -7.42 -2.92 -6.98
C GLY A 234 -6.03 -2.41 -6.62
N SER A 235 -5.64 -2.55 -5.36
CA SER A 235 -4.33 -2.05 -4.93
C SER A 235 -3.17 -2.52 -5.79
N ALA A 236 -3.16 -3.80 -6.16
CA ALA A 236 -2.08 -4.34 -6.98
C ALA A 236 -2.00 -3.63 -8.33
N LEU A 237 -3.15 -3.28 -8.89
CA LEU A 237 -3.17 -2.60 -10.17
C LEU A 237 -2.73 -1.15 -10.02
N VAL A 238 -3.23 -0.50 -8.98
CA VAL A 238 -2.91 0.91 -8.70
C VAL A 238 -1.41 1.12 -8.52
N LYS A 239 -0.76 0.20 -7.81
CA LYS A 239 0.68 0.27 -7.56
C LYS A 239 1.46 0.38 -8.88
N LEU A 240 1.13 -0.51 -9.82
CA LEU A 240 1.80 -0.51 -11.12
C LEU A 240 1.50 0.76 -11.90
N ALA A 241 0.25 1.22 -11.83
CA ALA A 241 -0.14 2.45 -12.51
C ALA A 241 0.66 3.64 -11.97
N GLY A 242 0.98 3.60 -10.68
CA GLY A 242 1.73 4.69 -10.06
C GLY A 242 3.09 4.95 -10.70
N GLN A 243 3.71 3.90 -11.23
CA GLN A 243 5.02 4.03 -11.88
C GLN A 243 4.85 3.97 -13.40
N LYS A 244 3.62 4.14 -13.87
CA LYS A 244 3.32 4.10 -15.29
C LYS A 244 3.79 2.79 -15.94
N LYS A 245 3.75 1.70 -15.19
CA LYS A 245 4.15 0.40 -15.70
C LYS A 245 2.94 -0.28 -16.34
N ILE A 246 2.52 0.29 -17.47
CA ILE A 246 1.36 -0.17 -18.22
C ILE A 246 1.47 -1.59 -18.76
N GLU A 247 2.63 -1.95 -19.29
CA GLU A 247 2.81 -3.28 -19.84
C GLU A 247 2.72 -4.33 -18.74
N ASP A 248 3.32 -4.05 -17.59
CA ASP A 248 3.28 -4.99 -16.47
C ASP A 248 1.88 -5.11 -15.92
N LEU A 249 1.13 -4.01 -15.99
CA LEU A 249 -0.26 -4.01 -15.52
C LEU A 249 -1.11 -4.94 -16.38
N GLY A 250 -0.95 -4.83 -17.69
CA GLY A 250 -1.70 -5.69 -18.59
C GLY A 250 -1.32 -7.14 -18.38
N ASN A 251 -0.04 -7.40 -18.12
CA ASN A 251 0.43 -8.76 -17.89
C ASN A 251 -0.20 -9.34 -16.63
N LEU A 252 -0.31 -8.52 -15.59
CA LEU A 252 -0.90 -8.96 -14.33
C LEU A 252 -2.38 -9.31 -14.50
N VAL A 253 -3.11 -8.48 -15.24
CA VAL A 253 -4.52 -8.72 -15.46
C VAL A 253 -4.71 -10.01 -16.27
N LYS A 254 -3.83 -10.24 -17.22
CA LYS A 254 -3.90 -11.43 -18.05
C LYS A 254 -3.68 -12.68 -17.19
N GLU A 255 -2.72 -12.60 -16.28
CA GLU A 255 -2.41 -13.70 -15.39
C GLU A 255 -3.54 -13.99 -14.39
N LEU A 256 -4.10 -12.93 -13.81
CA LEU A 256 -5.20 -13.08 -12.86
C LEU A 256 -6.38 -13.77 -13.54
N LYS A 257 -6.69 -13.32 -14.75
CA LYS A 257 -7.78 -13.89 -15.52
C LYS A 257 -7.52 -15.36 -15.83
N GLU A 258 -6.25 -15.76 -15.88
CA GLU A 258 -5.90 -17.14 -16.13
C GLU A 258 -6.38 -18.03 -14.99
N GLY A 259 -6.30 -17.52 -13.77
CA GLY A 259 -6.75 -18.28 -12.63
C GLY A 259 -8.26 -18.27 -12.46
N LEU A 260 -8.96 -17.66 -13.41
CA LEU A 260 -10.43 -17.57 -13.35
C LEU A 260 -11.12 -18.37 -14.44
N ARG A 261 -10.38 -19.26 -15.09
CA ARG A 261 -10.95 -20.08 -16.17
C ARG A 261 -11.00 -21.56 -15.81
N GLU A 262 -12.04 -22.23 -16.28
CA GLU A 262 -12.22 -23.65 -16.05
C GLU A 262 -12.66 -24.31 -17.36
N GLY B 2 -0.49 -0.82 9.89
CA GLY B 2 -0.27 0.20 8.85
C GLY B 2 0.51 -0.37 7.68
N ARG B 3 1.15 0.50 6.90
CA ARG B 3 1.93 0.05 5.75
C ARG B 3 3.00 -0.96 6.15
N ILE B 4 3.59 -0.76 7.32
CA ILE B 4 4.64 -1.65 7.77
C ILE B 4 4.12 -3.07 7.94
N SER B 5 3.07 -3.25 8.74
CA SER B 5 2.53 -4.58 8.95
C SER B 5 1.99 -5.17 7.64
N ASP B 6 1.42 -4.33 6.77
CA ASP B 6 0.91 -4.78 5.48
C ASP B 6 2.06 -5.36 4.65
N LYS B 7 3.18 -4.64 4.60
CA LYS B 7 4.33 -5.09 3.82
C LYS B 7 4.91 -6.43 4.27
N PHE B 8 5.09 -6.61 5.57
CA PHE B 8 5.64 -7.87 6.05
C PHE B 8 4.64 -9.01 5.82
N THR B 9 3.36 -8.72 5.92
CA THR B 9 2.35 -9.75 5.70
C THR B 9 2.45 -10.16 4.24
N GLU B 10 2.61 -9.17 3.37
CA GLU B 10 2.72 -9.42 1.93
C GLU B 10 3.95 -10.26 1.61
N LEU B 11 5.10 -9.85 2.13
CA LEU B 11 6.36 -10.56 1.88
C LEU B 11 6.33 -12.00 2.38
N LYS B 12 5.72 -12.22 3.54
CA LYS B 12 5.63 -13.56 4.12
C LYS B 12 4.81 -14.45 3.19
N GLU B 13 3.72 -13.90 2.66
CA GLU B 13 2.85 -14.65 1.74
C GLU B 13 3.63 -15.02 0.48
N LYS B 14 4.53 -14.15 0.05
CA LYS B 14 5.34 -14.39 -1.14
C LYS B 14 6.64 -15.14 -0.80
N ARG B 15 6.82 -15.45 0.48
CA ARG B 15 8.01 -16.14 0.93
C ARG B 15 9.28 -15.34 0.60
N GLU B 16 9.23 -14.04 0.92
CA GLU B 16 10.35 -13.14 0.68
C GLU B 16 10.82 -12.46 1.96
N LYS B 17 12.03 -11.92 1.92
CA LYS B 17 12.59 -11.19 3.06
C LYS B 17 12.61 -9.73 2.60
N ALA B 18 12.46 -8.80 3.54
CA ALA B 18 12.43 -7.39 3.17
C ALA B 18 13.78 -6.73 2.96
N LEU B 19 13.92 -5.99 1.87
CA LEU B 19 15.14 -5.24 1.64
C LEU B 19 14.82 -3.84 2.15
N VAL B 20 15.58 -3.40 3.15
CA VAL B 20 15.38 -2.08 3.73
C VAL B 20 16.56 -1.22 3.27
N SER B 21 16.28 -0.19 2.47
CA SER B 21 17.33 0.67 1.93
C SER B 21 17.39 2.05 2.57
N TYR B 22 18.59 2.44 3.00
CA TYR B 22 18.78 3.74 3.62
C TYR B 22 19.61 4.68 2.74
N LEU B 23 19.10 5.90 2.56
CA LEU B 23 19.79 6.93 1.80
C LEU B 23 19.60 8.24 2.56
N MET B 24 20.46 9.22 2.28
CA MET B 24 20.38 10.51 2.95
C MET B 24 19.82 11.60 2.04
N VAL B 25 18.85 12.36 2.53
CA VAL B 25 18.26 13.44 1.74
C VAL B 25 19.32 14.55 1.57
N GLY B 26 19.56 14.96 0.33
CA GLY B 26 20.51 16.02 0.06
C GLY B 26 21.97 15.61 -0.15
N TYR B 27 22.20 14.31 -0.35
CA TYR B 27 23.56 13.81 -0.59
C TYR B 27 23.63 13.01 -1.88
N PRO B 28 24.53 13.40 -2.81
CA PRO B 28 25.47 14.51 -2.80
C PRO B 28 24.83 15.90 -2.91
N ASP B 29 23.56 15.92 -3.26
CA ASP B 29 22.76 17.14 -3.36
C ASP B 29 21.29 16.71 -3.45
N TYR B 30 20.37 17.63 -3.24
CA TYR B 30 18.96 17.26 -3.26
C TYR B 30 18.50 16.49 -4.50
N GLU B 31 18.66 17.10 -5.68
CA GLU B 31 18.22 16.45 -6.91
C GLU B 31 18.85 15.08 -7.12
N THR B 32 20.15 14.95 -6.85
CA THR B 32 20.80 13.66 -7.04
C THR B 32 20.29 12.63 -6.04
N SER B 33 20.08 13.03 -4.79
CA SER B 33 19.58 12.10 -3.79
C SER B 33 18.19 11.65 -4.20
N LEU B 34 17.41 12.57 -4.79
CA LEU B 34 16.07 12.20 -5.23
C LEU B 34 16.16 11.10 -6.29
N LYS B 35 17.05 11.27 -7.25
CA LYS B 35 17.22 10.25 -8.28
C LYS B 35 17.64 8.93 -7.65
N ALA B 36 18.49 8.99 -6.64
CA ALA B 36 18.96 7.80 -5.95
C ALA B 36 17.81 7.09 -5.26
N PHE B 37 16.98 7.84 -4.54
CA PHE B 37 15.82 7.27 -3.84
C PHE B 37 14.89 6.56 -4.82
N LYS B 38 14.60 7.21 -5.95
CA LYS B 38 13.72 6.60 -6.95
C LYS B 38 14.35 5.33 -7.50
N GLU B 39 15.67 5.33 -7.64
CA GLU B 39 16.38 4.17 -8.16
C GLU B 39 16.27 2.95 -7.25
N VAL B 40 16.53 3.12 -5.95
CA VAL B 40 16.43 1.99 -5.03
C VAL B 40 14.99 1.51 -4.90
N LEU B 41 14.03 2.42 -5.10
CA LEU B 41 12.62 2.04 -5.01
C LEU B 41 12.14 1.28 -6.25
N LYS B 42 12.47 1.78 -7.44
CA LYS B 42 12.04 1.13 -8.66
C LYS B 42 12.66 -0.26 -8.83
N ASN B 43 13.78 -0.50 -8.15
CA ASN B 43 14.44 -1.79 -8.27
C ASN B 43 14.11 -2.84 -7.20
N GLY B 44 13.06 -2.62 -6.43
CA GLY B 44 12.68 -3.62 -5.45
C GLY B 44 12.80 -3.38 -3.95
N THR B 45 13.18 -2.19 -3.53
CA THR B 45 13.29 -1.92 -2.10
C THR B 45 11.91 -2.13 -1.47
N ASP B 46 11.85 -2.84 -0.35
CA ASP B 46 10.57 -3.11 0.32
C ASP B 46 10.21 -2.09 1.38
N ILE B 47 11.21 -1.57 2.08
CA ILE B 47 11.03 -0.58 3.12
C ILE B 47 12.11 0.48 2.94
N LEU B 48 11.71 1.75 2.99
CA LEU B 48 12.66 2.84 2.80
C LEU B 48 13.01 3.62 4.08
N GLU B 49 14.30 3.81 4.34
CA GLU B 49 14.73 4.59 5.48
C GLU B 49 15.22 5.91 4.90
N ILE B 50 14.54 6.99 5.24
CA ILE B 50 14.87 8.32 4.76
C ILE B 50 15.72 9.06 5.78
N GLY B 51 16.96 9.37 5.42
CA GLY B 51 17.85 10.06 6.33
C GLY B 51 17.68 11.57 6.42
N PHE B 52 17.52 12.07 7.64
CA PHE B 52 17.35 13.49 7.94
C PHE B 52 18.71 13.98 8.46
N PRO B 53 19.42 14.80 7.66
CA PRO B 53 20.74 15.34 8.05
C PRO B 53 20.76 15.98 9.43
N PHE B 54 21.79 15.68 10.22
CA PHE B 54 21.94 16.22 11.56
C PHE B 54 23.39 16.67 11.81
N SER B 55 23.54 17.74 12.56
CA SER B 55 24.84 18.32 12.87
C SER B 55 25.73 17.53 13.83
N ASP B 56 25.16 16.56 14.53
CA ASP B 56 25.95 15.79 15.49
C ASP B 56 25.57 14.31 15.51
N PRO B 57 25.71 13.63 14.34
CA PRO B 57 25.38 12.21 14.15
C PRO B 57 26.32 11.22 14.84
N VAL B 58 26.32 11.23 16.17
CA VAL B 58 27.18 10.35 16.96
C VAL B 58 26.88 8.87 16.80
N ALA B 59 25.70 8.53 16.28
CA ALA B 59 25.33 7.12 16.12
C ALA B 59 25.60 6.54 14.73
N ASP B 60 26.06 7.37 13.80
CA ASP B 60 26.33 6.88 12.45
C ASP B 60 27.80 6.58 12.18
N GLY B 61 28.04 5.72 11.21
CA GLY B 61 29.40 5.37 10.84
C GLY B 61 30.00 6.47 9.98
N PRO B 62 31.28 6.35 9.61
CA PRO B 62 32.01 7.33 8.79
C PRO B 62 31.34 7.75 7.48
N THR B 63 30.91 6.78 6.68
CA THR B 63 30.30 7.08 5.40
C THR B 63 29.02 7.90 5.53
N ILE B 64 28.17 7.54 6.47
CA ILE B 64 26.92 8.27 6.66
C ILE B 64 27.17 9.61 7.33
N GLN B 65 28.19 9.70 8.18
CA GLN B 65 28.49 10.96 8.82
C GLN B 65 28.91 11.96 7.74
N VAL B 66 29.58 11.45 6.71
CA VAL B 66 30.00 12.31 5.60
C VAL B 66 28.74 12.80 4.90
N ALA B 67 27.76 11.92 4.76
CA ALA B 67 26.50 12.28 4.10
C ALA B 67 25.81 13.39 4.88
N HIS B 68 25.78 13.26 6.21
CA HIS B 68 25.15 14.29 7.03
C HIS B 68 25.81 15.65 6.79
N GLU B 69 27.12 15.67 6.87
CA GLU B 69 27.90 16.90 6.70
C GLU B 69 27.66 17.60 5.37
N VAL B 70 27.77 16.86 4.27
CA VAL B 70 27.57 17.42 2.95
C VAL B 70 26.14 17.90 2.76
N ALA B 71 25.18 17.09 3.20
CA ALA B 71 23.77 17.43 3.06
C ALA B 71 23.45 18.71 3.82
N LEU B 72 23.98 18.82 5.03
CA LEU B 72 23.74 20.02 5.85
C LEU B 72 24.41 21.21 5.19
N LYS B 73 25.59 21.00 4.64
CA LYS B 73 26.31 22.08 3.97
C LYS B 73 25.45 22.60 2.83
N ASN B 74 24.76 21.70 2.14
CA ASN B 74 23.90 22.09 1.03
C ASN B 74 22.66 22.82 1.49
N GLY B 75 22.45 22.88 2.80
CA GLY B 75 21.30 23.59 3.34
C GLY B 75 20.02 22.79 3.51
N ILE B 76 20.12 21.47 3.50
CA ILE B 76 18.94 20.61 3.66
C ILE B 76 18.24 20.85 5.00
N ARG B 77 16.92 20.93 4.97
CA ARG B 77 16.14 21.15 6.17
C ARG B 77 14.92 20.23 6.17
N PHE B 78 14.22 20.19 7.30
CA PHE B 78 13.03 19.35 7.46
C PHE B 78 12.07 19.46 6.29
N GLU B 79 11.84 20.69 5.83
CA GLU B 79 10.93 20.93 4.70
C GLU B 79 11.37 20.18 3.45
N ASP B 80 12.68 20.09 3.24
CA ASP B 80 13.22 19.41 2.06
C ASP B 80 12.98 17.90 2.18
N VAL B 81 13.13 17.38 3.38
CA VAL B 81 12.93 15.97 3.67
C VAL B 81 11.48 15.60 3.39
N LEU B 82 10.57 16.47 3.81
CA LEU B 82 9.14 16.22 3.59
C LEU B 82 8.79 16.33 2.12
N GLU B 83 9.43 17.27 1.43
CA GLU B 83 9.19 17.45 0.01
C GLU B 83 9.59 16.15 -0.70
N LEU B 84 10.76 15.62 -0.36
CA LEU B 84 11.22 14.40 -0.98
C LEU B 84 10.33 13.21 -0.64
N SER B 85 9.87 13.12 0.61
CA SER B 85 8.99 12.02 0.99
C SER B 85 7.67 12.03 0.20
N GLU B 86 7.07 13.20 0.07
CA GLU B 86 5.80 13.34 -0.65
C GLU B 86 5.93 12.96 -2.12
N THR B 87 7.05 13.35 -2.73
CA THR B 87 7.32 13.07 -4.13
C THR B 87 7.42 11.57 -4.37
N LEU B 88 8.15 10.88 -3.50
CA LEU B 88 8.32 9.44 -3.64
C LEU B 88 7.04 8.67 -3.31
N ARG B 89 6.31 9.15 -2.30
CA ARG B 89 5.07 8.50 -1.87
C ARG B 89 4.05 8.41 -3.00
N LYS B 90 4.01 9.43 -3.84
CA LYS B 90 3.06 9.46 -4.96
C LYS B 90 3.30 8.33 -5.95
N GLU B 91 4.57 8.02 -6.21
CA GLU B 91 4.94 6.98 -7.16
C GLU B 91 5.01 5.56 -6.58
N PHE B 92 5.30 5.45 -5.29
CA PHE B 92 5.42 4.16 -4.60
C PHE B 92 4.51 4.21 -3.38
N PRO B 93 3.19 4.15 -3.59
CA PRO B 93 2.14 4.20 -2.58
C PRO B 93 2.05 3.14 -1.49
N ASP B 94 2.58 1.95 -1.76
CA ASP B 94 2.53 0.85 -0.79
C ASP B 94 3.80 0.67 0.04
N ILE B 95 4.88 1.34 -0.34
CA ILE B 95 6.15 1.21 0.36
C ILE B 95 6.27 1.96 1.68
N PRO B 96 6.51 1.22 2.78
CA PRO B 96 6.65 1.84 4.11
C PRO B 96 7.84 2.79 4.13
N PHE B 97 7.63 4.00 4.64
CA PHE B 97 8.70 4.99 4.73
C PHE B 97 9.04 5.23 6.19
N LEU B 98 10.29 4.98 6.57
CA LEU B 98 10.73 5.20 7.94
C LEU B 98 11.65 6.43 7.93
N LEU B 99 11.35 7.40 8.80
CA LEU B 99 12.18 8.59 8.88
C LEU B 99 13.26 8.38 9.94
N MET B 100 14.52 8.42 9.51
CA MET B 100 15.64 8.25 10.41
C MET B 100 16.03 9.64 10.89
N THR B 101 15.67 9.98 12.12
CA THR B 101 15.98 11.30 12.65
C THR B 101 16.47 11.26 14.09
N TYR B 102 17.48 12.08 14.38
CA TYR B 102 17.99 12.15 15.73
C TYR B 102 16.89 12.88 16.51
N TYR B 103 16.98 12.86 17.83
CA TYR B 103 15.95 13.48 18.65
C TYR B 103 15.86 15.01 18.68
N ASN B 104 17.00 15.69 18.75
CA ASN B 104 16.98 17.16 18.85
C ASN B 104 16.16 17.88 17.79
N PRO B 105 16.27 17.47 16.52
CA PRO B 105 15.49 18.15 15.47
C PRO B 105 14.00 18.11 15.78
N ILE B 106 13.56 16.99 16.35
CA ILE B 106 12.15 16.83 16.70
C ILE B 106 11.78 17.88 17.77
N PHE B 107 12.62 17.97 18.79
CA PHE B 107 12.40 18.91 19.88
C PHE B 107 12.39 20.35 19.36
N ARG B 108 13.35 20.67 18.52
CA ARG B 108 13.51 22.00 17.92
C ARG B 108 12.30 22.44 17.10
N ILE B 109 11.84 21.57 16.21
CA ILE B 109 10.71 21.87 15.36
C ILE B 109 9.41 21.84 16.17
N GLY B 110 9.35 20.93 17.14
CA GLY B 110 8.16 20.80 17.96
C GLY B 110 7.56 19.44 17.66
N LEU B 111 7.38 18.62 18.70
CA LEU B 111 6.84 17.28 18.52
C LEU B 111 5.52 17.18 17.77
N GLU B 112 4.55 18.04 18.09
CA GLU B 112 3.25 18.01 17.41
C GLU B 112 3.39 18.28 15.92
N LYS B 113 4.02 19.41 15.59
CA LYS B 113 4.21 19.80 14.19
C LYS B 113 5.05 18.77 13.42
N PHE B 114 6.16 18.34 14.02
CA PHE B 114 7.05 17.37 13.41
C PHE B 114 6.31 16.08 13.06
N CYS B 115 5.53 15.56 14.01
CA CYS B 115 4.78 14.33 13.78
C CYS B 115 3.63 14.52 12.78
N ARG B 116 2.92 15.64 12.89
CA ARG B 116 1.80 15.89 11.99
C ARG B 116 2.25 15.97 10.54
N LEU B 117 3.28 16.79 10.29
CA LEU B 117 3.80 16.98 8.95
C LEU B 117 4.43 15.73 8.35
N SER B 118 5.13 14.96 9.17
CA SER B 118 5.76 13.73 8.69
C SER B 118 4.66 12.79 8.19
N ARG B 119 3.65 12.56 9.01
CA ARG B 119 2.55 11.66 8.63
C ARG B 119 1.84 12.19 7.39
N GLU B 120 1.60 13.49 7.37
CA GLU B 120 0.92 14.11 6.24
C GLU B 120 1.70 13.93 4.95
N LYS B 121 3.03 14.04 5.03
CA LYS B 121 3.87 13.92 3.85
C LYS B 121 4.32 12.52 3.45
N GLY B 122 3.67 11.49 4.01
CA GLY B 122 4.02 10.13 3.63
C GLY B 122 4.80 9.24 4.58
N ILE B 123 5.34 9.79 5.67
CA ILE B 123 6.10 8.99 6.61
C ILE B 123 5.19 8.03 7.40
N ASP B 124 5.65 6.78 7.54
CA ASP B 124 4.90 5.75 8.26
C ASP B 124 5.39 5.57 9.69
N GLY B 125 6.69 5.77 9.91
CA GLY B 125 7.24 5.61 11.25
C GLY B 125 8.58 6.29 11.43
N PHE B 126 9.09 6.28 12.66
CA PHE B 126 10.38 6.88 12.97
C PHE B 126 11.38 5.89 13.52
N ILE B 127 12.66 6.21 13.29
CA ILE B 127 13.78 5.45 13.85
C ILE B 127 14.60 6.60 14.40
N VAL B 128 14.72 6.65 15.72
CA VAL B 128 15.45 7.71 16.40
C VAL B 128 16.64 7.09 17.11
N PRO B 129 17.82 7.14 16.48
CA PRO B 129 19.08 6.58 16.99
C PRO B 129 19.51 6.98 18.40
N ASP B 130 19.27 8.23 18.79
CA ASP B 130 19.69 8.71 20.10
C ASP B 130 18.57 9.13 21.05
N LEU B 131 17.38 8.57 20.88
CA LEU B 131 16.26 8.93 21.73
C LEU B 131 16.56 8.81 23.22
N PRO B 132 16.50 9.92 23.97
CA PRO B 132 16.77 9.83 25.42
C PRO B 132 15.68 9.00 26.07
N PRO B 133 16.06 8.00 26.88
CA PRO B 133 15.08 7.14 27.55
C PRO B 133 13.97 7.95 28.24
N GLU B 134 14.35 9.06 28.87
CA GLU B 134 13.38 9.91 29.57
C GLU B 134 12.46 10.72 28.66
N GLU B 135 12.72 10.70 27.35
CA GLU B 135 11.88 11.43 26.39
C GLU B 135 11.03 10.48 25.54
N ALA B 136 11.36 9.20 25.57
CA ALA B 136 10.67 8.19 24.78
C ALA B 136 9.15 8.12 24.96
N GLU B 137 8.69 8.15 26.21
CA GLU B 137 7.26 8.06 26.46
C GLU B 137 6.44 9.21 25.90
N GLU B 138 6.94 10.44 26.04
CA GLU B 138 6.21 11.59 25.51
C GLU B 138 6.22 11.57 23.99
N LEU B 139 7.33 11.15 23.39
CA LEU B 139 7.40 11.10 21.93
C LEU B 139 6.41 10.08 21.39
N LYS B 140 6.31 8.93 22.07
CA LYS B 140 5.39 7.88 21.65
C LYS B 140 3.96 8.35 21.83
N ALA B 141 3.72 9.15 22.86
CA ALA B 141 2.39 9.69 23.13
C ALA B 141 1.96 10.62 22.01
N VAL B 142 2.90 11.39 21.48
CA VAL B 142 2.56 12.31 20.41
C VAL B 142 2.42 11.57 19.08
N MET B 143 3.32 10.63 18.82
CA MET B 143 3.29 9.85 17.57
C MET B 143 1.96 9.12 17.40
N LYS B 144 1.41 8.65 18.52
CA LYS B 144 0.14 7.93 18.53
C LYS B 144 -0.99 8.79 17.97
N LYS B 145 -0.95 10.09 18.26
CA LYS B 145 -1.99 11.01 17.80
C LYS B 145 -2.05 11.10 16.28
N TYR B 146 -0.98 10.68 15.61
CA TYR B 146 -0.91 10.72 14.15
C TYR B 146 -0.65 9.34 13.56
N VAL B 147 -0.78 8.32 14.40
CA VAL B 147 -0.57 6.95 13.98
C VAL B 147 0.78 6.76 13.28
N LEU B 148 1.84 7.23 13.93
CA LEU B 148 3.20 7.06 13.39
C LEU B 148 3.75 5.86 14.15
N SER B 149 4.34 4.92 13.42
CA SER B 149 4.86 3.70 14.01
C SER B 149 6.25 3.89 14.61
N PHE B 150 6.43 3.46 15.86
CA PHE B 150 7.73 3.58 16.50
C PHE B 150 8.51 2.29 16.26
N VAL B 151 9.73 2.44 15.75
CA VAL B 151 10.60 1.31 15.45
C VAL B 151 11.80 1.35 16.40
N PRO B 152 11.71 0.61 17.52
CA PRO B 152 12.81 0.58 18.49
C PRO B 152 14.07 -0.10 17.96
N LEU B 153 15.23 0.39 18.40
CA LEU B 153 16.50 -0.16 17.99
C LEU B 153 16.95 -1.18 19.05
N GLY B 154 17.42 -2.33 18.58
CA GLY B 154 17.89 -3.36 19.49
C GLY B 154 19.38 -3.52 19.29
N ALA B 155 20.08 -3.88 20.35
CA ALA B 155 21.53 -4.05 20.27
C ALA B 155 21.91 -5.52 20.35
N PRO B 156 23.10 -5.87 19.83
CA PRO B 156 23.54 -7.27 19.87
C PRO B 156 23.75 -7.71 21.32
N THR B 157 23.85 -6.74 22.21
CA THR B 157 24.08 -7.00 23.63
C THR B 157 22.83 -6.80 24.51
N SER B 158 21.68 -6.54 23.90
CA SER B 158 20.45 -6.34 24.68
C SER B 158 20.16 -7.53 25.60
N THR B 159 19.75 -7.25 26.83
CA THR B 159 19.42 -8.30 27.80
C THR B 159 18.07 -8.90 27.43
N ARG B 160 17.72 -10.03 28.05
CA ARG B 160 16.44 -10.68 27.78
C ARG B 160 15.28 -9.79 28.21
N LYS B 161 15.43 -9.12 29.34
CA LYS B 161 14.38 -8.23 29.83
C LYS B 161 14.24 -7.03 28.88
N ARG B 162 15.37 -6.57 28.34
CA ARG B 162 15.32 -5.44 27.42
C ARG B 162 14.65 -5.87 26.11
N ILE B 163 14.82 -7.14 25.73
CA ILE B 163 14.19 -7.65 24.52
C ILE B 163 12.68 -7.56 24.67
N LYS B 164 12.19 -7.92 25.85
CA LYS B 164 10.76 -7.87 26.13
C LYS B 164 10.26 -6.43 26.09
N LEU B 165 11.06 -5.50 26.59
CA LEU B 165 10.66 -4.09 26.58
C LEU B 165 10.67 -3.55 25.15
N ILE B 166 11.60 -4.05 24.34
CA ILE B 166 11.68 -3.61 22.95
C ILE B 166 10.44 -4.09 22.20
N CYS B 167 10.08 -5.35 22.40
CA CYS B 167 8.92 -5.94 21.76
C CYS B 167 7.66 -5.13 22.08
N GLU B 168 7.52 -4.74 23.35
CA GLU B 168 6.37 -3.96 23.77
C GLU B 168 6.37 -2.55 23.20
N ALA B 169 7.56 -1.97 23.04
CA ALA B 169 7.70 -0.62 22.52
C ALA B 169 7.49 -0.57 21.01
N ALA B 170 7.70 -1.68 20.34
CA ALA B 170 7.56 -1.74 18.89
C ALA B 170 6.08 -1.80 18.49
N ASP B 171 5.69 -0.95 17.55
CA ASP B 171 4.32 -0.95 17.07
C ASP B 171 4.11 -2.01 16.00
N GLU B 172 5.08 -2.14 15.10
CA GLU B 172 4.97 -3.09 14.01
C GLU B 172 6.25 -3.83 13.66
N MET B 173 7.39 -3.23 13.99
CA MET B 173 8.67 -3.86 13.66
C MET B 173 9.79 -3.39 14.56
N THR B 174 10.89 -4.15 14.57
CA THR B 174 12.08 -3.85 15.36
C THR B 174 13.29 -3.86 14.44
N TYR B 175 14.30 -3.07 14.78
CA TYR B 175 15.53 -2.96 14.01
C TYR B 175 16.74 -3.23 14.90
N PHE B 176 17.43 -4.34 14.64
CA PHE B 176 18.62 -4.71 15.41
C PHE B 176 19.84 -4.40 14.57
N VAL B 177 20.81 -3.71 15.16
CA VAL B 177 22.01 -3.37 14.44
C VAL B 177 23.15 -3.11 15.41
N SER B 178 24.38 -3.23 14.94
CA SER B 178 25.54 -2.96 15.77
C SER B 178 25.92 -1.51 15.56
N VAL B 179 25.72 -0.70 16.60
CA VAL B 179 26.04 0.72 16.52
C VAL B 179 27.29 1.03 17.34
N GLY B 184 34.14 0.37 24.17
CA GLY B 184 34.33 -1.06 23.99
C GLY B 184 35.01 -1.42 22.67
N ALA B 185 35.91 -2.40 22.72
CA ALA B 185 36.63 -2.83 21.52
C ALA B 185 35.69 -3.49 20.51
N ARG B 186 36.05 -3.43 19.24
CA ARG B 186 35.23 -4.06 18.21
C ARG B 186 35.07 -5.52 18.61
N GLU B 187 33.97 -6.13 18.20
CA GLU B 187 33.72 -7.54 18.53
C GLU B 187 34.60 -8.51 17.75
N LYS B 188 34.62 -9.76 18.20
CA LYS B 188 35.41 -10.82 17.55
C LYS B 188 34.45 -11.75 16.83
N LEU B 189 33.20 -11.74 17.26
CA LEU B 189 32.16 -12.57 16.67
C LEU B 189 30.88 -11.74 16.54
N PRO B 190 30.98 -10.53 16.00
CA PRO B 190 29.79 -9.68 15.84
C PRO B 190 28.66 -10.36 15.10
N TYR B 191 28.96 -11.04 13.99
CA TYR B 191 27.92 -11.73 13.23
C TYR B 191 27.25 -12.77 14.10
N GLU B 192 28.08 -13.65 14.67
CA GLU B 192 27.60 -14.72 15.52
C GLU B 192 26.77 -14.16 16.67
N ARG B 193 27.21 -13.03 17.24
CA ARG B 193 26.49 -12.42 18.35
C ARG B 193 25.12 -11.89 17.97
N ILE B 194 25.05 -11.09 16.90
CA ILE B 194 23.76 -10.53 16.51
C ILE B 194 22.80 -11.62 16.05
N LYS B 195 23.35 -12.69 15.49
CA LYS B 195 22.52 -13.80 15.03
C LYS B 195 21.86 -14.47 16.23
N LYS B 196 22.64 -14.74 17.27
CA LYS B 196 22.11 -15.37 18.48
C LYS B 196 21.12 -14.45 19.17
N LYS B 197 21.44 -13.17 19.21
CA LYS B 197 20.56 -12.20 19.87
C LYS B 197 19.21 -12.11 19.15
N VAL B 198 19.23 -12.09 17.84
CA VAL B 198 18.00 -12.01 17.07
C VAL B 198 17.17 -13.27 17.23
N GLU B 199 17.83 -14.42 17.35
CA GLU B 199 17.13 -15.67 17.54
C GLU B 199 16.48 -15.67 18.92
N GLU B 200 17.13 -15.00 19.87
CA GLU B 200 16.62 -14.89 21.22
C GLU B 200 15.37 -14.00 21.17
N TYR B 201 15.40 -13.00 20.30
CA TYR B 201 14.30 -12.08 20.11
C TYR B 201 13.10 -12.85 19.58
N ARG B 202 13.36 -13.71 18.60
CA ARG B 202 12.34 -14.53 17.96
C ARG B 202 11.57 -15.40 18.95
N GLU B 203 12.22 -15.84 20.03
CA GLU B 203 11.55 -16.69 21.00
C GLU B 203 10.68 -15.88 21.96
N LEU B 204 10.95 -14.58 22.06
CA LEU B 204 10.18 -13.74 22.96
C LEU B 204 9.24 -12.78 22.25
N CYS B 205 9.43 -12.59 20.95
CA CYS B 205 8.62 -11.64 20.19
C CYS B 205 8.19 -12.12 18.80
N ASP B 206 6.93 -11.85 18.44
CA ASP B 206 6.41 -12.25 17.13
C ASP B 206 6.43 -11.12 16.09
N LYS B 207 6.85 -9.92 16.50
CA LYS B 207 6.88 -8.80 15.58
C LYS B 207 8.07 -8.87 14.64
N PRO B 208 7.87 -8.54 13.35
CA PRO B 208 8.96 -8.58 12.37
C PRO B 208 10.21 -7.85 12.87
N VAL B 209 11.37 -8.41 12.54
CA VAL B 209 12.63 -7.80 12.93
C VAL B 209 13.57 -7.72 11.75
N VAL B 210 14.23 -6.59 11.59
CA VAL B 210 15.18 -6.41 10.50
C VAL B 210 16.56 -6.27 11.12
N VAL B 211 17.57 -6.70 10.39
CA VAL B 211 18.94 -6.66 10.86
C VAL B 211 19.87 -5.89 9.93
N GLY B 212 20.64 -4.98 10.52
CA GLY B 212 21.57 -4.21 9.73
C GLY B 212 22.93 -4.88 9.70
N PHE B 213 23.50 -4.97 8.51
CA PHE B 213 24.81 -5.57 8.34
C PHE B 213 25.28 -5.16 6.96
N GLY B 214 26.57 -4.84 6.85
CA GLY B 214 27.11 -4.41 5.56
C GLY B 214 27.23 -5.48 4.51
N VAL B 215 26.17 -5.72 3.75
CA VAL B 215 26.19 -6.73 2.69
C VAL B 215 26.10 -6.04 1.34
N SER B 216 26.54 -6.71 0.29
CA SER B 216 26.51 -6.15 -1.05
C SER B 216 26.35 -7.23 -2.12
N LYS B 217 26.13 -8.46 -1.69
CA LYS B 217 25.95 -9.59 -2.61
C LYS B 217 24.75 -10.41 -2.13
N LYS B 218 24.03 -11.01 -3.06
CA LYS B 218 22.85 -11.79 -2.72
C LYS B 218 23.10 -12.90 -1.70
N GLU B 219 24.24 -13.58 -1.81
CA GLU B 219 24.57 -14.67 -0.89
C GLU B 219 24.60 -14.24 0.58
N HIS B 220 25.10 -13.05 0.84
CA HIS B 220 25.19 -12.57 2.21
C HIS B 220 23.88 -11.95 2.67
N ALA B 221 23.13 -11.39 1.72
CA ALA B 221 21.83 -10.81 2.07
C ALA B 221 21.00 -12.01 2.51
N ARG B 222 21.11 -13.12 1.77
CA ARG B 222 20.35 -14.31 2.10
C ARG B 222 20.76 -14.86 3.47
N GLU B 223 22.03 -14.68 3.85
CA GLU B 223 22.48 -15.13 5.16
C GLU B 223 21.70 -14.40 6.25
N ILE B 224 21.60 -13.08 6.12
CA ILE B 224 20.87 -12.29 7.10
C ILE B 224 19.41 -12.72 7.08
N GLY B 225 18.87 -12.94 5.89
CA GLY B 225 17.49 -13.37 5.76
C GLY B 225 17.20 -14.71 6.40
N SER B 226 18.24 -15.51 6.63
CA SER B 226 18.03 -16.83 7.22
C SER B 226 17.64 -16.76 8.70
N PHE B 227 17.88 -15.62 9.34
CA PHE B 227 17.52 -15.50 10.74
C PHE B 227 16.73 -14.25 11.08
N ALA B 228 16.41 -13.45 10.06
CA ALA B 228 15.64 -12.23 10.28
C ALA B 228 14.58 -12.07 9.20
N ASP B 229 13.68 -11.13 9.39
CA ASP B 229 12.62 -10.88 8.42
C ASP B 229 13.02 -9.92 7.31
N GLY B 230 14.21 -9.33 7.47
CA GLY B 230 14.70 -8.39 6.48
C GLY B 230 16.11 -7.94 6.80
N VAL B 231 16.74 -7.25 5.86
CA VAL B 231 18.09 -6.76 6.06
C VAL B 231 18.12 -5.28 5.72
N VAL B 232 18.84 -4.51 6.53
CA VAL B 232 18.95 -3.08 6.29
C VAL B 232 20.34 -2.77 5.76
N VAL B 233 20.39 -2.10 4.61
CA VAL B 233 21.66 -1.74 4.00
C VAL B 233 21.67 -0.23 3.78
N GLY B 234 22.79 0.42 4.11
CA GLY B 234 22.86 1.86 3.94
C GLY B 234 24.18 2.34 3.40
N SER B 235 25.24 2.10 4.17
CA SER B 235 26.59 2.50 3.80
C SER B 235 26.88 2.33 2.31
N ALA B 236 26.76 1.10 1.83
CA ALA B 236 27.02 0.77 0.43
C ALA B 236 26.17 1.54 -0.57
N LEU B 237 24.92 1.85 -0.19
CA LEU B 237 24.05 2.58 -1.09
C LEU B 237 24.47 4.05 -1.11
N VAL B 238 24.73 4.58 0.07
CA VAL B 238 25.15 5.96 0.23
C VAL B 238 26.42 6.26 -0.57
N LYS B 239 27.37 5.33 -0.51
CA LYS B 239 28.63 5.50 -1.24
C LYS B 239 28.40 5.68 -2.73
N LEU B 240 27.54 4.85 -3.30
CA LEU B 240 27.23 4.93 -4.72
C LEU B 240 26.49 6.23 -5.06
N ALA B 241 25.56 6.62 -4.19
CA ALA B 241 24.81 7.86 -4.43
C ALA B 241 25.77 9.03 -4.38
N GLY B 242 26.70 8.99 -3.43
CA GLY B 242 27.69 10.05 -3.28
C GLY B 242 28.52 10.29 -4.53
N GLN B 243 28.82 9.24 -5.28
CA GLN B 243 29.60 9.39 -6.49
C GLN B 243 28.72 9.42 -7.74
N LYS B 244 27.42 9.67 -7.52
CA LYS B 244 26.44 9.76 -8.61
C LYS B 244 26.33 8.52 -9.50
N LYS B 245 26.61 7.35 -8.94
CA LYS B 245 26.52 6.11 -9.72
C LYS B 245 25.13 5.50 -9.55
N ILE B 246 24.14 6.13 -10.18
CA ILE B 246 22.76 5.69 -10.08
C ILE B 246 22.52 4.29 -10.68
N GLU B 247 23.07 4.05 -11.86
CA GLU B 247 22.89 2.76 -12.50
C GLU B 247 23.44 1.65 -11.61
N ASP B 248 24.65 1.84 -11.09
CA ASP B 248 25.26 0.85 -10.21
C ASP B 248 24.42 0.71 -8.95
N LEU B 249 23.85 1.82 -8.49
CA LEU B 249 23.02 1.80 -7.30
C LEU B 249 21.83 0.88 -7.55
N GLY B 250 21.14 1.10 -8.65
CA GLY B 250 20.00 0.27 -9.00
C GLY B 250 20.35 -1.20 -9.12
N ASN B 251 21.53 -1.49 -9.69
CA ASN B 251 21.95 -2.87 -9.87
C ASN B 251 22.26 -3.56 -8.55
N LEU B 252 22.76 -2.80 -7.58
CA LEU B 252 23.08 -3.36 -6.28
C LEU B 252 21.78 -3.76 -5.57
N VAL B 253 20.74 -2.94 -5.75
CA VAL B 253 19.47 -3.24 -5.11
C VAL B 253 18.87 -4.53 -5.65
N LYS B 254 18.87 -4.70 -6.96
CA LYS B 254 18.31 -5.93 -7.53
C LYS B 254 19.16 -7.13 -7.14
N GLU B 255 20.46 -6.95 -7.03
CA GLU B 255 21.36 -8.03 -6.63
C GLU B 255 20.96 -8.49 -5.22
N LEU B 256 20.86 -7.53 -4.30
CA LEU B 256 20.49 -7.82 -2.92
C LEU B 256 19.11 -8.45 -2.81
N LYS B 257 18.13 -7.90 -3.51
CA LYS B 257 16.78 -8.42 -3.46
C LYS B 257 16.73 -9.86 -3.95
N GLU B 258 17.62 -10.19 -4.88
CA GLU B 258 17.70 -11.55 -5.42
C GLU B 258 17.96 -12.56 -4.30
N GLY B 259 18.77 -12.17 -3.32
CA GLY B 259 19.07 -13.06 -2.21
C GLY B 259 17.96 -13.05 -1.18
N LEU B 260 16.96 -12.19 -1.38
CA LEU B 260 15.85 -12.07 -0.46
C LEU B 260 14.54 -12.66 -1.01
N ARG B 261 14.67 -13.44 -2.08
CA ARG B 261 13.54 -14.14 -2.69
C ARG B 261 14.02 -15.58 -2.82
N GLU B 262 13.11 -16.53 -2.84
CA GLU B 262 13.51 -17.94 -2.96
C GLU B 262 14.48 -18.14 -4.12
#